data_2RDC
#
_entry.id   2RDC
#
_cell.length_a   49.190
_cell.length_b   116.250
_cell.length_c   97.310
_cell.angle_alpha   90.000
_cell.angle_beta   90.000
_cell.angle_gamma   90.000
#
_symmetry.space_group_name_H-M   'C 2 2 21'
#
loop_
_entity.id
_entity.type
_entity.pdbx_description
1 polymer 'Uncharacterized protein'
2 non-polymer 'CHLORIDE ION'
3 non-polymer (4S)-2-METHYL-2,4-PENTANEDIOL
4 non-polymer 'SULFATE ION'
5 water water
#
_entity_poly.entity_id   1
_entity_poly.type   'polypeptide(L)'
_entity_poly.pdbx_seq_one_letter_code
;G(MSE)QQPTASVVSYVAEYHKATETT(MSE)GRYKKVIEITGHDEVAAKLLEGLIDAGTRYFSKVVE(MSE)EHR
(MSE)ASARFRLDGEELRELTETLDRSRRLAHESLISSLHVFNRYIVKEYGEELKEAGIEGGIFPKPEANRDRIAIADWA
GELLTGIYENRHR
;
_entity_poly.pdbx_strand_id   A,B
#
# COMPACT_ATOMS: atom_id res chain seq x y z
N GLU A 21 -3.64 -1.49 -21.83
CA GLU A 21 -2.13 -1.48 -21.98
C GLU A 21 -1.41 -1.03 -20.69
N THR A 22 -1.96 -0.03 -19.99
CA THR A 22 -1.49 0.32 -18.63
C THR A 22 -2.00 -0.70 -17.57
N THR A 23 -1.31 -0.72 -16.45
CA THR A 23 -1.69 -1.56 -15.30
C THR A 23 -3.15 -1.30 -14.95
N GLY A 25 -5.47 0.35 -16.77
CA GLY A 25 -6.36 0.08 -17.92
C GLY A 25 -6.77 -1.36 -18.07
N ARG A 26 -5.82 -2.24 -17.88
CA ARG A 26 -6.05 -3.65 -17.98
C ARG A 26 -6.91 -4.15 -16.83
N TYR A 27 -6.62 -3.64 -15.65
CA TYR A 27 -7.44 -3.92 -14.43
C TYR A 27 -8.89 -3.54 -14.66
N LYS A 28 -9.09 -2.35 -15.20
CA LYS A 28 -10.46 -1.86 -15.49
C LYS A 28 -11.15 -2.76 -16.51
N LYS A 29 -10.42 -3.10 -17.59
CA LYS A 29 -11.01 -3.99 -18.59
C LYS A 29 -11.36 -5.35 -18.01
N VAL A 30 -10.53 -5.85 -17.10
CA VAL A 30 -10.76 -7.15 -16.52
C VAL A 30 -12.07 -7.16 -15.70
N ILE A 31 -12.30 -6.10 -14.98
CA ILE A 31 -13.55 -5.97 -14.21
C ILE A 31 -14.79 -5.93 -15.13
N GLU A 32 -14.73 -5.07 -16.16
CA GLU A 32 -15.78 -5.00 -17.16
C GLU A 32 -16.12 -6.39 -17.73
N ILE A 33 -15.10 -7.17 -18.06
CA ILE A 33 -15.29 -8.46 -18.75
C ILE A 33 -15.76 -9.51 -17.77
N THR A 34 -15.19 -9.53 -16.58
CA THR A 34 -15.42 -10.62 -15.64
C THR A 34 -16.25 -10.27 -14.42
N GLY A 35 -16.63 -9.00 -14.27
CA GLY A 35 -17.27 -8.52 -13.04
C GLY A 35 -18.54 -9.28 -12.67
N HIS A 36 -19.33 -9.61 -13.70
CA HIS A 36 -20.60 -10.36 -13.51
C HIS A 36 -20.43 -11.77 -12.91
N ASP A 37 -19.23 -12.33 -13.04
CA ASP A 37 -18.94 -13.70 -12.61
C ASP A 37 -18.47 -13.77 -11.15
N GLU A 38 -19.30 -14.30 -10.26
CA GLU A 38 -19.03 -14.29 -8.82
C GLU A 38 -17.77 -15.04 -8.44
N VAL A 39 -17.47 -16.11 -9.15
CA VAL A 39 -16.25 -16.84 -8.90
C VAL A 39 -15.02 -15.98 -9.30
N ALA A 40 -15.11 -15.29 -10.44
CA ALA A 40 -14.00 -14.39 -10.86
C ALA A 40 -13.80 -13.26 -9.85
N ALA A 41 -14.91 -12.58 -9.56
CA ALA A 41 -14.98 -11.50 -8.58
C ALA A 41 -14.40 -11.90 -7.22
N LYS A 42 -14.77 -13.08 -6.74
CA LYS A 42 -14.25 -13.55 -5.46
C LYS A 42 -12.75 -13.77 -5.52
N LEU A 43 -12.28 -14.37 -6.60
CA LEU A 43 -10.84 -14.63 -6.76
C LEU A 43 -10.08 -13.31 -6.91
N LEU A 44 -10.68 -12.32 -7.56
CA LEU A 44 -10.02 -11.03 -7.75
C LEU A 44 -9.97 -10.25 -6.42
N GLU A 45 -11.01 -10.36 -5.61
CA GLU A 45 -11.00 -9.72 -4.29
C GLU A 45 -9.87 -10.32 -3.50
N GLY A 46 -9.72 -11.62 -3.65
CA GLY A 46 -8.59 -12.34 -3.04
C GLY A 46 -7.19 -11.86 -3.43
N LEU A 47 -6.99 -11.69 -4.73
CA LEU A 47 -5.78 -11.11 -5.25
C LEU A 47 -5.55 -9.67 -4.77
N ILE A 48 -6.57 -8.82 -4.77
CA ILE A 48 -6.41 -7.46 -4.28
C ILE A 48 -6.06 -7.48 -2.78
N ASP A 49 -6.73 -8.31 -2.00
CA ASP A 49 -6.38 -8.48 -0.57
C ASP A 49 -4.93 -8.94 -0.34
N ALA A 50 -4.52 -9.98 -1.05
CA ALA A 50 -3.15 -10.44 -0.98
C ALA A 50 -2.17 -9.35 -1.39
N GLY A 51 -2.51 -8.57 -2.41
CA GLY A 51 -1.64 -7.46 -2.83
C GLY A 51 -1.47 -6.41 -1.72
N THR A 52 -2.57 -6.00 -1.11
CA THR A 52 -2.50 -5.02 -0.02
C THR A 52 -1.75 -5.55 1.22
N ARG A 53 -1.92 -6.83 1.52
CA ARG A 53 -1.20 -7.46 2.61
CA ARG A 53 -1.20 -7.45 2.61
C ARG A 53 0.30 -7.48 2.32
N TYR A 54 0.67 -7.75 1.07
CA TYR A 54 2.07 -7.76 0.66
C TYR A 54 2.69 -6.39 0.78
N PHE A 55 1.97 -5.39 0.24
CA PHE A 55 2.43 -3.99 0.23
C PHE A 55 2.65 -3.54 1.69
N SER A 56 1.66 -3.83 2.52
CA SER A 56 1.70 -3.47 3.94
C SER A 56 2.87 -4.08 4.68
N LYS A 57 3.10 -5.36 4.45
CA LYS A 57 4.19 -6.14 5.04
C LYS A 57 5.54 -5.57 4.64
N VAL A 58 5.74 -5.32 3.34
CA VAL A 58 6.95 -4.67 2.88
C VAL A 58 7.17 -3.31 3.53
N VAL A 59 6.15 -2.45 3.61
CA VAL A 59 6.34 -1.18 4.25
C VAL A 59 6.76 -1.35 5.71
N GLU A 60 6.11 -2.25 6.42
CA GLU A 60 6.40 -2.39 7.85
C GLU A 60 7.82 -2.95 8.07
N GLU A 62 10.34 -2.60 5.86
CA GLU A 62 11.30 -1.57 5.54
C GLU A 62 11.42 -0.52 6.64
N HIS A 63 10.30 -0.21 7.28
CA HIS A 63 10.36 0.72 8.38
C HIS A 63 11.19 0.14 9.55
N ARG A 64 10.96 -1.12 9.82
CA ARG A 64 11.70 -1.75 10.89
C ARG A 64 13.21 -1.65 10.63
N ALA A 66 14.83 0.52 8.70
CA ALA A 66 15.29 1.87 8.75
C ALA A 66 15.47 2.33 10.18
N SER A 67 14.54 1.99 11.06
CA SER A 67 14.69 2.35 12.45
C SER A 67 15.84 1.56 13.05
N ALA A 68 15.91 0.26 12.74
CA ALA A 68 16.92 -0.60 13.35
C ALA A 68 18.37 -0.30 12.90
N ARG A 69 18.57 0.28 11.74
CA ARG A 69 19.93 0.51 11.26
C ARG A 69 20.72 1.37 12.26
N PHE A 70 19.99 2.12 13.09
CA PHE A 70 20.60 2.98 14.11
C PHE A 70 20.72 2.33 15.48
N ARG A 71 20.13 1.17 15.68
CA ARG A 71 20.07 0.57 17.01
C ARG A 71 20.86 -0.72 17.11
N LEU A 72 21.24 -1.32 15.97
CA LEU A 72 21.79 -2.67 15.97
C LEU A 72 23.18 -2.68 15.36
N ASP A 73 24.02 -3.63 15.79
CA ASP A 73 25.31 -3.83 15.13
C ASP A 73 25.10 -4.63 13.85
N GLY A 74 26.14 -4.68 13.02
CA GLY A 74 26.07 -5.25 11.69
C GLY A 74 25.64 -6.71 11.67
N GLU A 75 26.04 -7.49 12.68
CA GLU A 75 25.64 -8.89 12.76
C GLU A 75 24.15 -8.99 13.05
N GLU A 76 23.69 -8.21 14.01
CA GLU A 76 22.28 -8.20 14.40
C GLU A 76 21.40 -7.71 13.26
N LEU A 77 21.89 -6.69 12.56
CA LEU A 77 21.17 -6.14 11.43
C LEU A 77 21.10 -7.14 10.26
N ARG A 78 22.18 -7.88 10.01
CA ARG A 78 22.14 -8.89 8.97
CA ARG A 78 22.19 -8.94 8.99
C ARG A 78 21.17 -10.03 9.34
N GLU A 79 21.11 -10.42 10.61
CA GLU A 79 20.19 -11.48 10.99
C GLU A 79 18.71 -11.00 10.85
N LEU A 80 18.44 -9.78 11.31
CA LEU A 80 17.12 -9.16 11.14
C LEU A 80 16.74 -9.16 9.68
N THR A 81 17.61 -8.60 8.86
CA THR A 81 17.40 -8.51 7.44
C THR A 81 17.10 -9.85 6.80
N GLU A 82 17.84 -10.87 7.19
CA GLU A 82 17.58 -12.22 6.69
C GLU A 82 16.23 -12.78 7.12
N THR A 83 15.81 -12.48 8.33
CA THR A 83 14.50 -12.92 8.83
C THR A 83 13.42 -12.24 8.00
N LEU A 84 13.59 -10.95 7.82
CA LEU A 84 12.56 -10.19 7.11
C LEU A 84 12.49 -10.62 5.65
N ASP A 85 13.64 -10.90 5.05
CA ASP A 85 13.69 -11.29 3.65
C ASP A 85 13.06 -12.65 3.44
N ARG A 86 13.29 -13.57 4.37
CA ARG A 86 12.66 -14.88 4.25
C ARG A 86 11.15 -14.73 4.33
N SER A 87 10.70 -13.96 5.28
CA SER A 87 9.23 -13.73 5.45
C SER A 87 8.67 -13.05 4.22
N ARG A 88 9.46 -12.18 3.64
CA ARG A 88 9.01 -11.49 2.45
C ARG A 88 8.90 -12.47 1.28
N ARG A 89 9.88 -13.35 1.13
CA ARG A 89 9.80 -14.36 0.09
C ARG A 89 8.51 -15.18 0.23
N LEU A 90 8.17 -15.56 1.44
CA LEU A 90 7.08 -16.48 1.63
C LEU A 90 5.75 -15.79 1.31
N ALA A 91 5.67 -14.51 1.64
CA ALA A 91 4.50 -13.67 1.31
C ALA A 91 4.41 -13.38 -0.20
N HIS A 92 5.56 -13.20 -0.83
CA HIS A 92 5.65 -13.03 -2.27
C HIS A 92 5.14 -14.30 -2.99
N GLU A 93 5.51 -15.48 -2.50
CA GLU A 93 5.04 -16.74 -3.05
CA GLU A 93 5.04 -16.72 -3.10
C GLU A 93 3.52 -16.78 -3.00
N SER A 94 2.99 -16.33 -1.88
CA SER A 94 1.54 -16.24 -1.68
CA SER A 94 1.53 -16.28 -1.71
C SER A 94 0.85 -15.27 -2.66
N LEU A 95 1.46 -14.11 -2.91
CA LEU A 95 0.93 -13.17 -3.89
C LEU A 95 0.89 -13.81 -5.30
N ILE A 96 2.01 -14.39 -5.70
CA ILE A 96 2.06 -15.11 -6.98
C ILE A 96 0.93 -16.13 -7.12
N SER A 97 0.75 -16.95 -6.11
CA SER A 97 -0.33 -17.92 -6.14
C SER A 97 -1.73 -17.31 -6.36
N SER A 98 -2.03 -16.18 -5.71
CA SER A 98 -3.33 -15.53 -5.86
C SER A 98 -3.51 -14.98 -7.26
N LEU A 99 -2.42 -14.47 -7.82
CA LEU A 99 -2.49 -13.90 -9.13
C LEU A 99 -2.73 -15.04 -10.12
N HIS A 100 -1.98 -16.13 -9.99
CA HIS A 100 -2.10 -17.25 -10.91
CA HIS A 100 -2.11 -17.25 -10.89
C HIS A 100 -3.48 -17.86 -10.85
N VAL A 101 -3.99 -18.12 -9.65
CA VAL A 101 -5.27 -18.78 -9.54
C VAL A 101 -6.34 -17.93 -10.19
N PHE A 102 -6.25 -16.61 -10.01
CA PHE A 102 -7.24 -15.70 -10.63
C PHE A 102 -7.07 -15.64 -12.17
N ASN A 103 -5.86 -15.37 -12.62
CA ASN A 103 -5.61 -15.15 -14.02
C ASN A 103 -5.85 -16.41 -14.85
N ARG A 104 -5.48 -17.58 -14.36
CA ARG A 104 -5.74 -18.81 -15.12
C ARG A 104 -7.25 -19.05 -15.29
N TYR A 105 -8.03 -18.70 -14.27
CA TYR A 105 -9.47 -18.79 -14.37
C TYR A 105 -10.05 -17.89 -15.46
N ILE A 106 -9.63 -16.62 -15.50
CA ILE A 106 -10.22 -15.69 -16.47
C ILE A 106 -9.73 -15.98 -17.88
N VAL A 107 -8.50 -16.44 -18.01
CA VAL A 107 -7.93 -16.77 -19.30
C VAL A 107 -8.63 -18.00 -19.88
N LYS A 108 -8.99 -18.96 -19.02
CA LYS A 108 -9.73 -20.13 -19.43
C LYS A 108 -11.19 -19.82 -19.77
N GLU A 109 -11.85 -19.03 -18.93
CA GLU A 109 -13.24 -18.74 -19.11
C GLU A 109 -13.58 -17.57 -20.00
N TYR A 110 -12.66 -16.65 -20.22
CA TYR A 110 -12.98 -15.39 -20.94
C TYR A 110 -11.91 -15.05 -21.94
N GLY A 111 -11.20 -16.10 -22.38
CA GLY A 111 -10.06 -15.98 -23.26
C GLY A 111 -10.28 -15.15 -24.50
N GLU A 112 -11.44 -15.35 -25.13
CA GLU A 112 -11.75 -14.62 -26.35
C GLU A 112 -12.19 -13.18 -26.09
N GLU A 113 -13.01 -12.96 -25.07
CA GLU A 113 -13.32 -11.59 -24.63
C GLU A 113 -12.05 -10.79 -24.30
N LEU A 114 -11.12 -11.44 -23.58
CA LEU A 114 -9.83 -10.84 -23.29
C LEU A 114 -9.03 -10.52 -24.56
N LYS A 115 -8.91 -11.49 -25.46
CA LYS A 115 -8.34 -11.27 -26.81
C LYS A 115 -9.02 -10.06 -27.49
N GLU A 116 -10.34 -10.11 -27.58
CA GLU A 116 -11.11 -8.98 -28.21
C GLU A 116 -10.85 -7.61 -27.57
N ALA A 117 -10.59 -7.60 -26.26
CA ALA A 117 -10.36 -6.37 -25.51
C ALA A 117 -8.93 -5.89 -25.60
N GLY A 118 -8.05 -6.67 -26.22
CA GLY A 118 -6.62 -6.33 -26.30
C GLY A 118 -5.79 -6.72 -25.08
N ILE A 119 -6.31 -7.61 -24.24
CA ILE A 119 -5.56 -8.00 -23.05
C ILE A 119 -5.58 -9.50 -22.92
N GLU A 120 -5.02 -10.17 -23.93
CA GLU A 120 -5.15 -11.63 -24.03
CA GLU A 120 -5.18 -11.62 -24.02
C GLU A 120 -4.59 -12.38 -22.83
N GLY A 121 -3.52 -11.83 -22.25
CA GLY A 121 -2.90 -12.44 -21.07
C GLY A 121 -3.62 -12.28 -19.73
N GLY A 122 -4.73 -11.56 -19.70
CA GLY A 122 -5.50 -11.41 -18.47
C GLY A 122 -5.11 -10.14 -17.73
N ILE A 123 -5.06 -10.20 -16.40
CA ILE A 123 -4.81 -8.97 -15.63
C ILE A 123 -3.34 -8.54 -15.58
N PHE A 124 -2.45 -9.44 -15.97
CA PHE A 124 -1.01 -9.19 -15.94
C PHE A 124 -0.56 -9.21 -17.42
N PRO A 125 0.38 -8.36 -17.82
CA PRO A 125 0.97 -8.47 -19.19
C PRO A 125 1.43 -9.89 -19.66
N LYS A 126 1.14 -10.24 -20.91
CA LYS A 126 1.53 -11.55 -21.48
C LYS A 126 3.07 -11.74 -21.46
N PRO A 127 3.55 -12.99 -21.29
CA PRO A 127 5.00 -13.21 -21.37
C PRO A 127 5.58 -12.80 -22.73
N GLU A 128 6.85 -12.45 -22.77
CA GLU A 128 7.47 -12.05 -24.04
C GLU A 128 8.87 -12.66 -24.19
N ALA A 129 9.13 -13.25 -25.35
CA ALA A 129 10.49 -13.71 -25.69
C ALA A 129 11.37 -12.53 -26.15
N ASN A 130 10.71 -11.40 -26.48
CA ASN A 130 11.38 -10.20 -27.02
C ASN A 130 12.02 -9.30 -25.93
N ARG A 131 11.19 -8.74 -25.05
CA ARG A 131 11.67 -7.86 -23.97
C ARG A 131 11.44 -8.45 -22.54
N ASP A 132 11.94 -7.72 -21.54
CA ASP A 132 11.72 -8.04 -20.11
C ASP A 132 10.22 -7.77 -19.86
N ARG A 133 9.71 -8.17 -18.73
CA ARG A 133 8.40 -7.67 -18.35
C ARG A 133 8.38 -7.32 -16.90
N ILE A 134 7.33 -6.61 -16.53
CA ILE A 134 7.21 -6.00 -15.23
C ILE A 134 7.30 -7.10 -14.18
N ALA A 135 8.07 -6.85 -13.13
CA ALA A 135 8.11 -7.70 -11.96
C ALA A 135 6.76 -7.61 -11.25
N ILE A 136 6.31 -8.74 -10.73
CA ILE A 136 5.04 -8.86 -10.03
C ILE A 136 4.92 -7.86 -8.87
N ALA A 137 5.97 -7.70 -8.06
CA ALA A 137 5.95 -6.77 -6.91
C ALA A 137 5.81 -5.35 -7.40
N ASP A 138 6.43 -5.06 -8.52
CA ASP A 138 6.32 -3.73 -9.12
C ASP A 138 4.91 -3.50 -9.65
N TRP A 139 4.38 -4.49 -10.35
CA TRP A 139 3.01 -4.45 -10.84
C TRP A 139 1.99 -4.24 -9.71
N ALA A 140 2.13 -4.98 -8.64
CA ALA A 140 1.19 -4.85 -7.54
C ALA A 140 1.24 -3.43 -6.95
N GLY A 141 2.44 -2.89 -6.80
CA GLY A 141 2.60 -1.53 -6.32
C GLY A 141 1.91 -0.55 -7.22
N GLU A 142 2.09 -0.74 -8.51
CA GLU A 142 1.45 0.12 -9.49
C GLU A 142 -0.06 0.08 -9.40
N LEU A 143 -0.60 -1.13 -9.34
CA LEU A 143 -2.04 -1.35 -9.27
C LEU A 143 -2.60 -0.76 -7.99
N LEU A 144 -1.97 -1.05 -6.87
CA LEU A 144 -2.58 -0.60 -5.59
C LEU A 144 -2.45 0.90 -5.38
N THR A 145 -1.30 1.46 -5.73
CA THR A 145 -1.02 2.90 -5.67
CA THR A 145 -1.14 2.90 -5.56
C THR A 145 -2.00 3.65 -6.56
N GLY A 146 -2.21 3.10 -7.75
CA GLY A 146 -3.12 3.70 -8.73
C GLY A 146 -4.56 3.77 -8.22
N ILE A 147 -5.03 2.68 -7.63
CA ILE A 147 -6.35 2.64 -6.97
C ILE A 147 -6.44 3.62 -5.81
N TYR A 148 -5.39 3.69 -4.97
CA TYR A 148 -5.36 4.65 -3.86
C TYR A 148 -5.42 6.12 -4.32
N GLU A 149 -4.60 6.44 -5.30
CA GLU A 149 -4.46 7.81 -5.80
C GLU A 149 -5.72 8.26 -6.49
N ASN A 150 -6.48 7.33 -7.04
CA ASN A 150 -7.73 7.64 -7.70
C ASN A 150 -8.96 7.49 -6.87
N ARG A 151 -8.81 7.41 -5.56
CA ARG A 151 -9.93 7.12 -4.67
C ARG A 151 -10.93 8.28 -4.68
N HIS A 152 -12.18 8.06 -4.28
CA HIS A 152 -13.09 9.21 -4.11
CA HIS A 152 -13.14 9.16 -4.05
C HIS A 152 -12.70 10.01 -2.88
N ARG A 153 -12.57 11.33 -3.08
CA ARG A 153 -12.31 12.23 -1.96
C ARG A 153 -13.62 12.63 -1.25
N ALA B 19 17.66 17.01 1.34
CA ALA B 19 16.93 15.72 1.62
C ALA B 19 15.57 15.99 2.30
N THR B 20 15.62 16.66 3.46
CA THR B 20 14.46 16.98 4.30
C THR B 20 13.28 17.75 3.65
N GLU B 21 13.42 18.21 2.40
CA GLU B 21 12.35 18.89 1.66
CA GLU B 21 12.30 18.90 1.76
C GLU B 21 11.24 17.88 1.31
N THR B 22 11.65 16.65 1.04
CA THR B 22 10.72 15.63 0.58
C THR B 22 10.01 14.91 1.75
N THR B 23 8.85 14.31 1.47
CA THR B 23 8.17 13.40 2.40
C THR B 23 9.15 12.37 2.95
N GLY B 25 12.43 12.45 2.87
CA GLY B 25 13.55 13.05 3.56
C GLY B 25 13.22 13.45 4.99
N ARG B 26 12.04 14.02 5.16
CA ARG B 26 11.58 14.42 6.48
C ARG B 26 11.38 13.14 7.34
N TYR B 27 10.87 12.07 6.73
CA TYR B 27 10.64 10.80 7.44
C TYR B 27 11.97 10.25 7.92
N LYS B 28 12.96 10.21 7.05
CA LYS B 28 14.27 9.69 7.46
C LYS B 28 14.96 10.58 8.52
N LYS B 29 14.79 11.91 8.44
CA LYS B 29 15.34 12.81 9.47
C LYS B 29 14.67 12.56 10.83
N VAL B 30 13.35 12.32 10.80
CA VAL B 30 12.60 12.01 12.06
C VAL B 30 13.15 10.77 12.76
N ILE B 31 13.44 9.74 11.99
CA ILE B 31 14.04 8.52 12.52
C ILE B 31 15.43 8.81 13.11
N GLU B 32 16.24 9.55 12.35
CA GLU B 32 17.57 9.90 12.81
C GLU B 32 17.52 10.73 14.11
N ILE B 33 16.59 11.65 14.21
CA ILE B 33 16.54 12.53 15.35
C ILE B 33 15.89 11.87 16.58
N THR B 34 14.86 11.05 16.40
CA THR B 34 13.96 10.63 17.51
C THR B 34 14.04 9.14 17.82
N GLY B 35 14.77 8.41 17.00
CA GLY B 35 14.71 6.95 16.98
C GLY B 35 15.29 6.30 18.21
N HIS B 36 16.14 7.04 18.94
CA HIS B 36 16.71 6.51 20.18
C HIS B 36 15.73 6.61 21.37
N ASP B 37 14.63 7.34 21.19
CA ASP B 37 13.61 7.43 22.19
C ASP B 37 12.61 6.29 21.97
N GLU B 38 12.49 5.35 22.93
CA GLU B 38 11.68 4.17 22.71
C GLU B 38 10.19 4.45 22.51
N VAL B 39 9.70 5.53 23.15
CA VAL B 39 8.31 5.95 23.06
C VAL B 39 8.08 6.49 21.63
N ALA B 40 9.00 7.36 21.19
CA ALA B 40 8.95 7.89 19.83
C ALA B 40 8.99 6.77 18.82
N ALA B 41 9.85 5.79 19.04
CA ALA B 41 9.96 4.68 18.13
C ALA B 41 8.63 3.91 17.98
N LYS B 42 7.97 3.60 19.12
CA LYS B 42 6.76 2.81 19.14
C LYS B 42 5.63 3.59 18.51
N LEU B 43 5.61 4.89 18.82
CA LEU B 43 4.55 5.75 18.25
C LEU B 43 4.70 5.88 16.73
N LEU B 44 5.92 5.95 16.24
CA LEU B 44 6.13 6.00 14.82
C LEU B 44 5.77 4.64 14.14
N GLU B 45 6.12 3.52 14.78
CA GLU B 45 5.71 2.21 14.25
C GLU B 45 4.18 2.18 14.14
N GLY B 46 3.50 2.80 15.10
CA GLY B 46 2.06 2.82 15.14
C GLY B 46 1.47 3.69 14.05
N LEU B 47 2.19 4.78 13.74
CA LEU B 47 1.74 5.72 12.70
C LEU B 47 1.83 5.05 11.31
N ILE B 48 2.91 4.36 11.07
CA ILE B 48 3.11 3.68 9.81
C ILE B 48 2.04 2.60 9.66
N ASP B 49 1.81 1.83 10.72
CA ASP B 49 0.71 0.88 10.72
C ASP B 49 -0.69 1.49 10.48
N ALA B 50 -0.97 2.63 11.11
CA ALA B 50 -2.25 3.32 10.88
C ALA B 50 -2.31 3.75 9.39
N GLY B 51 -1.16 4.12 8.82
CA GLY B 51 -1.03 4.40 7.40
C GLY B 51 -1.34 3.22 6.51
N THR B 52 -0.73 2.05 6.77
CA THR B 52 -1.01 0.88 5.93
C THR B 52 -2.46 0.39 6.10
N ARG B 53 -3.05 0.60 7.28
CA ARG B 53 -4.41 0.21 7.53
C ARG B 53 -5.38 1.03 6.69
N TYR B 54 -5.16 2.33 6.70
CA TYR B 54 -5.98 3.25 5.91
C TYR B 54 -5.81 2.97 4.41
N PHE B 55 -4.56 2.85 3.94
CA PHE B 55 -4.29 2.48 2.54
C PHE B 55 -5.06 1.23 2.14
N SER B 56 -4.91 0.18 2.95
CA SER B 56 -5.60 -1.08 2.73
C SER B 56 -7.13 -0.94 2.65
N LYS B 57 -7.73 -0.23 3.59
CA LYS B 57 -9.20 -0.05 3.62
C LYS B 57 -9.67 0.72 2.38
N VAL B 58 -8.89 1.71 1.96
CA VAL B 58 -9.26 2.52 0.79
C VAL B 58 -9.23 1.65 -0.47
N VAL B 59 -8.14 0.89 -0.65
CA VAL B 59 -8.01 0.02 -1.81
C VAL B 59 -9.10 -1.05 -1.84
N GLU B 60 -9.35 -1.71 -0.71
CA GLU B 60 -10.36 -2.74 -0.55
C GLU B 60 -11.70 -2.15 -0.97
N GLU B 62 -12.46 0.84 -2.75
CA GLU B 62 -12.43 1.29 -4.11
C GLU B 62 -12.53 0.14 -5.06
N HIS B 63 -11.83 -0.95 -4.76
CA HIS B 63 -11.96 -2.05 -5.65
C HIS B 63 -13.40 -2.58 -5.67
N ARG B 64 -13.99 -2.77 -4.50
CA ARG B 64 -15.37 -3.28 -4.42
C ARG B 64 -16.41 -2.37 -5.05
N ALA B 66 -15.81 -0.42 -7.62
CA ALA B 66 -15.56 -0.62 -9.05
C ALA B 66 -16.29 -1.84 -9.60
N SER B 67 -16.36 -2.89 -8.79
CA SER B 67 -16.69 -4.20 -9.29
C SER B 67 -18.01 -4.75 -8.79
N ALA B 68 -18.43 -4.36 -7.56
CA ALA B 68 -19.59 -4.99 -6.93
C ALA B 68 -20.87 -4.69 -7.70
N ARG B 69 -20.86 -3.56 -8.39
CA ARG B 69 -22.00 -3.15 -9.22
C ARG B 69 -22.32 -4.13 -10.33
N PHE B 70 -21.33 -4.83 -10.86
CA PHE B 70 -21.56 -5.81 -11.92
C PHE B 70 -22.28 -7.05 -11.41
N ARG B 71 -22.52 -7.17 -10.11
CA ARG B 71 -23.22 -8.34 -9.64
C ARG B 71 -24.08 -8.22 -8.40
N LEU B 72 -24.06 -7.08 -7.69
CA LEU B 72 -24.93 -6.94 -6.52
C LEU B 72 -26.09 -6.04 -6.85
N ASP B 73 -27.27 -6.38 -6.32
CA ASP B 73 -28.49 -5.55 -6.45
C ASP B 73 -28.30 -4.28 -5.62
N GLY B 74 -29.28 -3.39 -5.66
CA GLY B 74 -29.14 -2.08 -5.06
C GLY B 74 -29.04 -2.07 -3.55
N GLU B 75 -29.76 -2.97 -2.88
CA GLU B 75 -29.80 -2.93 -1.42
C GLU B 75 -28.56 -3.57 -0.80
N GLU B 76 -28.21 -4.77 -1.29
CA GLU B 76 -26.91 -5.40 -1.02
C GLU B 76 -25.73 -4.45 -1.25
N LEU B 77 -25.74 -3.72 -2.34
CA LEU B 77 -24.67 -2.80 -2.67
C LEU B 77 -24.67 -1.64 -1.69
N ARG B 78 -25.86 -1.16 -1.35
CA ARG B 78 -26.00 -0.05 -0.43
C ARG B 78 -25.45 -0.41 0.93
N GLU B 79 -25.77 -1.60 1.42
CA GLU B 79 -25.31 -2.05 2.74
C GLU B 79 -23.81 -2.19 2.73
N LEU B 80 -23.29 -2.85 1.70
CA LEU B 80 -21.85 -3.05 1.58
C LEU B 80 -21.10 -1.73 1.54
N THR B 81 -21.55 -0.83 0.67
CA THR B 81 -20.99 0.50 0.56
C THR B 81 -20.93 1.22 1.90
N GLU B 82 -21.99 1.12 2.69
CA GLU B 82 -22.02 1.80 3.98
C GLU B 82 -21.00 1.22 4.97
N THR B 83 -20.92 -0.10 5.04
CA THR B 83 -19.96 -0.77 5.94
C THR B 83 -18.49 -0.40 5.58
N LEU B 84 -18.17 -0.45 4.30
CA LEU B 84 -16.83 -0.14 3.81
C LEU B 84 -16.54 1.32 4.05
N ASP B 85 -17.53 2.17 3.75
CA ASP B 85 -17.39 3.61 3.96
C ASP B 85 -17.11 3.99 5.41
N ARG B 86 -17.92 3.47 6.31
CA ARG B 86 -17.78 3.81 7.75
C ARG B 86 -16.43 3.33 8.25
N SER B 87 -16.04 2.14 7.81
CA SER B 87 -14.78 1.54 8.29
C SER B 87 -13.54 2.27 7.78
N ARG B 88 -13.56 2.68 6.51
CA ARG B 88 -12.56 3.57 5.95
C ARG B 88 -12.44 4.92 6.66
N ARG B 89 -13.57 5.58 6.92
CA ARG B 89 -13.56 6.81 7.69
C ARG B 89 -12.98 6.69 9.08
N LEU B 90 -13.35 5.64 9.79
CA LEU B 90 -12.74 5.37 11.07
C LEU B 90 -11.21 5.17 10.95
N ALA B 91 -10.77 4.45 9.92
CA ALA B 91 -9.36 4.22 9.70
C ALA B 91 -8.62 5.55 9.42
N HIS B 92 -9.30 6.46 8.73
CA HIS B 92 -8.76 7.76 8.40
C HIS B 92 -8.62 8.56 9.67
N GLU B 93 -9.59 8.46 10.59
CA GLU B 93 -9.53 9.22 11.81
C GLU B 93 -8.42 8.70 12.70
N SER B 94 -8.22 7.40 12.68
CA SER B 94 -7.13 6.80 13.40
C SER B 94 -5.76 7.21 12.88
N LEU B 95 -5.62 7.28 11.55
CA LEU B 95 -4.43 7.84 10.91
C LEU B 95 -4.20 9.27 11.37
N ILE B 96 -5.22 10.10 11.27
CA ILE B 96 -5.04 11.47 11.70
C ILE B 96 -4.62 11.61 13.17
N SER B 97 -5.32 10.90 14.04
CA SER B 97 -4.98 10.88 15.46
C SER B 97 -3.56 10.36 15.71
N SER B 98 -3.18 9.24 15.06
CA SER B 98 -1.79 8.72 15.20
C SER B 98 -0.73 9.77 14.80
N LEU B 99 -0.99 10.51 13.73
CA LEU B 99 -0.08 11.53 13.30
C LEU B 99 0.05 12.66 14.31
N HIS B 100 -1.07 13.18 14.74
CA HIS B 100 -1.11 14.28 15.67
C HIS B 100 -0.46 13.92 17.01
N VAL B 101 -0.78 12.73 17.48
CA VAL B 101 -0.19 12.28 18.73
C VAL B 101 1.33 12.12 18.59
N PHE B 102 1.79 11.50 17.51
CA PHE B 102 3.21 11.34 17.31
C PHE B 102 3.95 12.67 17.22
N ASN B 103 3.44 13.60 16.41
CA ASN B 103 4.14 14.89 16.23
C ASN B 103 4.13 15.72 17.49
N ARG B 104 3.04 15.72 18.24
CA ARG B 104 3.02 16.42 19.52
C ARG B 104 4.11 15.89 20.44
N TYR B 105 4.28 14.56 20.52
CA TYR B 105 5.34 13.97 21.34
C TYR B 105 6.72 14.40 20.88
N ILE B 106 7.04 14.27 19.58
CA ILE B 106 8.39 14.55 19.11
C ILE B 106 8.71 16.04 19.14
N VAL B 107 7.72 16.90 18.93
CA VAL B 107 7.90 18.33 19.08
C VAL B 107 8.15 18.69 20.58
N LYS B 108 7.42 18.07 21.47
CA LYS B 108 7.58 18.28 22.91
C LYS B 108 9.01 17.95 23.29
N GLU B 109 9.51 16.82 22.81
CA GLU B 109 10.74 16.27 23.33
C GLU B 109 12.01 16.61 22.55
N TYR B 110 11.88 16.85 21.24
CA TYR B 110 13.00 17.07 20.29
C TYR B 110 12.74 18.28 19.39
N GLY B 111 11.86 19.18 19.84
CA GLY B 111 11.42 20.34 19.05
C GLY B 111 12.58 21.17 18.53
N GLU B 112 13.61 21.35 19.36
CA GLU B 112 14.76 22.16 18.94
C GLU B 112 15.57 21.47 17.90
N GLU B 113 15.91 20.20 18.12
CA GLU B 113 16.62 19.40 17.13
C GLU B 113 15.88 19.36 15.77
N LEU B 114 14.55 19.25 15.83
CA LEU B 114 13.74 19.20 14.60
C LEU B 114 13.88 20.50 13.82
N LYS B 115 13.76 21.61 14.53
CA LYS B 115 13.87 22.95 13.93
C LYS B 115 15.24 23.13 13.32
N GLU B 116 16.29 22.79 14.05
CA GLU B 116 17.67 22.83 13.54
C GLU B 116 17.85 22.01 12.29
N ALA B 117 17.10 20.91 12.16
CA ALA B 117 17.27 20.03 11.00
C ALA B 117 16.49 20.47 9.79
N GLY B 118 15.72 21.54 9.92
CA GLY B 118 14.90 22.06 8.83
C GLY B 118 13.50 21.49 8.78
N ILE B 119 13.13 20.69 9.80
CA ILE B 119 11.81 20.03 9.82
C ILE B 119 11.07 20.34 11.09
N GLU B 120 10.95 21.63 11.37
CA GLU B 120 10.26 22.09 12.57
C GLU B 120 8.83 21.57 12.53
N GLY B 121 8.26 21.25 13.67
CA GLY B 121 6.88 20.69 13.63
C GLY B 121 6.70 19.20 13.33
N GLY B 122 7.76 18.54 12.85
CA GLY B 122 7.80 17.07 12.85
C GLY B 122 7.75 16.39 11.49
N ILE B 123 7.02 15.27 11.42
CA ILE B 123 7.11 14.40 10.29
C ILE B 123 6.27 14.88 9.10
N PHE B 124 5.35 15.82 9.31
CA PHE B 124 4.41 16.20 8.25
C PHE B 124 4.91 17.47 7.46
N PRO B 125 4.96 17.41 6.11
CA PRO B 125 5.58 18.50 5.35
C PRO B 125 4.83 19.82 5.44
N LYS B 126 3.55 19.78 5.80
CA LYS B 126 2.76 20.99 5.95
C LYS B 126 2.92 21.68 7.31
N PRO B 127 2.88 23.02 7.29
CA PRO B 127 2.41 23.85 8.39
C PRO B 127 0.89 23.97 8.23
N GLU B 128 0.47 24.49 7.07
CA GLU B 128 -0.94 24.82 6.77
C GLU B 128 -1.95 23.66 6.85
N ALA B 129 -1.61 22.50 6.29
CA ALA B 129 -2.59 21.42 6.04
C ALA B 129 -2.58 20.22 7.04
N ASN B 130 -1.96 20.36 8.21
CA ASN B 130 -1.84 19.22 9.16
C ASN B 130 -3.17 18.80 9.81
N ARG B 131 -4.22 19.59 9.60
CA ARG B 131 -5.59 19.26 9.99
C ARG B 131 -6.40 18.74 8.79
N ASP B 132 -5.82 18.80 7.60
CA ASP B 132 -6.54 18.50 6.36
C ASP B 132 -6.61 16.99 6.11
N ARG B 133 -7.83 16.46 6.25
CA ARG B 133 -8.11 15.04 6.08
C ARG B 133 -7.46 14.55 4.80
N ILE B 134 -7.78 15.20 3.68
CA ILE B 134 -7.30 14.72 2.34
C ILE B 134 -5.77 14.91 2.19
N ALA B 135 -5.20 16.05 2.65
CA ALA B 135 -3.73 16.20 2.61
C ALA B 135 -3.02 15.13 3.48
N ILE B 136 -3.56 14.80 4.66
CA ILE B 136 -2.96 13.72 5.49
C ILE B 136 -3.01 12.39 4.70
N ALA B 137 -4.14 12.10 4.09
CA ALA B 137 -4.28 10.93 3.20
C ALA B 137 -3.34 10.99 2.02
N ASP B 138 -3.15 12.17 1.42
CA ASP B 138 -2.16 12.28 0.35
C ASP B 138 -0.75 12.07 0.81
N TRP B 139 -0.45 12.63 1.97
CA TRP B 139 0.87 12.50 2.56
C TRP B 139 1.13 11.01 2.87
N ALA B 140 0.14 10.34 3.43
CA ALA B 140 0.34 8.90 3.79
C ALA B 140 0.62 8.04 2.55
N GLY B 141 -0.10 8.33 1.47
CA GLY B 141 0.11 7.64 0.23
C GLY B 141 1.53 7.78 -0.30
N GLU B 142 2.04 9.01 -0.22
CA GLU B 142 3.35 9.35 -0.72
C GLU B 142 4.40 8.66 0.10
N LEU B 143 4.27 8.70 1.44
CA LEU B 143 5.22 8.02 2.34
C LEU B 143 5.25 6.52 2.10
N LEU B 144 4.09 5.91 2.09
CA LEU B 144 3.99 4.46 1.97
C LEU B 144 4.47 4.03 0.56
N THR B 145 4.08 4.77 -0.47
CA THR B 145 4.58 4.46 -1.82
C THR B 145 6.11 4.52 -1.97
N GLY B 146 6.69 5.56 -1.35
CA GLY B 146 8.13 5.80 -1.39
C GLY B 146 8.85 4.68 -0.69
N ILE B 147 8.35 4.27 0.48
CA ILE B 147 8.97 3.17 1.22
C ILE B 147 8.92 1.88 0.40
N TYR B 148 7.76 1.60 -0.17
CA TYR B 148 7.60 0.39 -0.96
C TYR B 148 8.52 0.39 -2.19
N GLU B 149 8.58 1.50 -2.87
CA GLU B 149 9.41 1.66 -4.09
C GLU B 149 10.88 1.61 -3.82
N ASN B 150 11.28 1.96 -2.60
CA ASN B 150 12.69 1.95 -2.18
C ASN B 150 13.08 0.68 -1.46
N ARG B 151 12.18 -0.28 -1.43
CA ARG B 151 12.46 -1.53 -0.75
C ARG B 151 13.76 -2.16 -1.23
N HIS B 152 14.55 -2.66 -0.30
CA HIS B 152 15.85 -3.16 -0.63
C HIS B 152 15.75 -4.38 -1.54
N ARG B 153 16.75 -4.55 -2.38
CA ARG B 153 16.88 -5.75 -3.16
C ARG B 153 17.63 -6.75 -2.29
#